data_1O0W
#
_entry.id   1O0W
#
_cell.length_a   36
_cell.length_b   58.5
_cell.length_c   70.2
_cell.angle_alpha   67.2
_cell.angle_beta   92
_cell.angle_gamma   77.7
#
_symmetry.space_group_name_H-M   'P 1'
#
loop_
_entity.id
_entity.type
_entity.pdbx_description
1 polymer 'Ribonuclease III'
2 water water
#
_entity_poly.entity_id   1
_entity_poly.type   'polypeptide(L)'
_entity_poly.pdbx_seq_one_letter_code
;MGSDKIHHHHHHMNESERKIVEEFQKETGINFKNEELLFRALCHSSYANEQNQAGRKDVESNEKLEFLGDAVLELFVCEI
LYKKYPEAEVGDLARVKSAAASEEVLAMVSRKMNLGKFLFLGKGEEKTGGRDRDSILADAFEALLAAIYLDQGYEKIKEL
FEQEFEFYIEKIMKGEMLFDYKTALQEIVQSEHKVPPEYILVRTEKNDGDRIFVVEVRVNGKTIATGKGRTKKEAEKEAA
RIAYEKLLKERS
;
_entity_poly.pdbx_strand_id   A,B
#
# COMPACT_ATOMS: atom_id res chain seq x y z
N HIS A 11 19.64 19.69 -3.20
CA HIS A 11 20.90 19.10 -3.77
C HIS A 11 21.14 19.53 -5.21
N HIS A 12 22.36 19.96 -5.48
CA HIS A 12 22.77 20.39 -6.79
C HIS A 12 23.47 19.21 -7.48
N MET A 13 22.85 18.67 -8.52
CA MET A 13 23.45 17.56 -9.25
C MET A 13 24.75 17.98 -9.92
N ASN A 14 25.83 17.23 -9.72
CA ASN A 14 27.04 17.61 -10.43
C ASN A 14 26.90 17.05 -11.85
N GLU A 15 27.86 17.39 -12.71
CA GLU A 15 27.86 16.96 -14.11
C GLU A 15 27.63 15.46 -14.36
N SER A 16 28.36 14.58 -13.68
CA SER A 16 28.18 13.15 -13.93
C SER A 16 26.84 12.62 -13.42
N GLU A 17 26.30 13.25 -12.38
CA GLU A 17 25.03 12.82 -11.83
C GLU A 17 23.92 13.24 -12.78
N ARG A 18 24.02 14.47 -13.28
CA ARG A 18 23.02 14.97 -14.22
C ARG A 18 23.01 14.10 -15.48
N LYS A 19 24.19 13.73 -15.97
CA LYS A 19 24.27 12.88 -17.15
C LYS A 19 23.55 11.56 -16.91
N ILE A 20 23.83 10.93 -15.77
CA ILE A 20 23.18 9.64 -15.50
C ILE A 20 21.65 9.81 -15.45
N VAL A 21 21.21 10.86 -14.77
CA VAL A 21 19.79 11.14 -14.61
C VAL A 21 19.16 11.37 -15.99
N GLU A 22 19.90 12.04 -16.87
CA GLU A 22 19.40 12.31 -18.22
C GLU A 22 19.35 11.00 -19.00
N GLU A 23 20.42 10.20 -18.91
CA GLU A 23 20.44 8.92 -19.63
C GLU A 23 19.33 8.00 -19.17
N PHE A 24 19.11 7.91 -17.87
CA PHE A 24 18.02 7.06 -17.37
C PHE A 24 16.69 7.42 -18.03
N GLN A 25 16.36 8.71 -18.04
CA GLN A 25 15.07 9.13 -18.63
C GLN A 25 15.00 8.80 -20.12
N LYS A 26 16.08 9.09 -20.83
CA LYS A 26 16.11 8.80 -22.26
C LYS A 26 16.01 7.30 -22.54
N GLU A 27 16.79 6.50 -21.82
CA GLU A 27 16.81 5.05 -22.03
C GLU A 27 15.58 4.27 -21.63
N THR A 28 15.05 4.58 -20.45
CA THR A 28 13.87 3.87 -19.97
C THR A 28 12.58 4.48 -20.50
N GLY A 29 12.65 5.72 -20.98
CA GLY A 29 11.45 6.39 -21.45
C GLY A 29 10.68 6.98 -20.25
N ILE A 30 11.17 6.80 -19.03
CA ILE A 30 10.46 7.33 -17.87
C ILE A 30 11.00 8.71 -17.53
N ASN A 31 10.33 9.74 -18.05
CA ASN A 31 10.74 11.10 -17.77
C ASN A 31 10.24 11.50 -16.41
N PHE A 32 10.93 12.44 -15.80
CA PHE A 32 10.56 12.96 -14.48
C PHE A 32 10.40 14.47 -14.55
N LYS A 33 9.48 15.00 -13.75
CA LYS A 33 9.30 16.44 -13.67
C LYS A 33 10.35 16.89 -12.67
N ASN A 34 10.33 16.31 -11.47
CA ASN A 34 11.32 16.65 -10.44
C ASN A 34 12.47 15.61 -10.54
N GLU A 35 13.52 15.95 -11.28
CA GLU A 35 14.65 15.03 -11.45
C GLU A 35 15.37 14.70 -10.13
N GLU A 36 15.18 15.51 -9.10
CA GLU A 36 15.81 15.20 -7.81
C GLU A 36 15.25 13.91 -7.18
N LEU A 37 13.96 13.63 -7.40
CA LEU A 37 13.31 12.42 -6.88
C LEU A 37 13.96 11.18 -7.54
N LEU A 38 14.21 11.28 -8.84
CA LEU A 38 14.85 10.21 -9.61
C LEU A 38 16.30 9.97 -9.13
N PHE A 39 17.06 11.03 -9.00
CA PHE A 39 18.43 10.92 -8.49
C PHE A 39 18.43 10.19 -7.12
N ARG A 40 17.56 10.64 -6.23
CA ARG A 40 17.48 10.06 -4.90
C ARG A 40 17.16 8.56 -4.93
N ALA A 41 16.23 8.16 -5.80
CA ALA A 41 15.86 6.74 -5.90
C ALA A 41 17.04 5.84 -6.34
N LEU A 42 17.91 6.41 -7.16
CA LEU A 42 19.06 5.72 -7.68
C LEU A 42 20.27 5.77 -6.75
N CYS A 43 20.18 6.56 -5.67
CA CYS A 43 21.30 6.73 -4.74
C CYS A 43 21.34 5.72 -3.61
N HIS A 44 22.28 4.79 -3.72
CA HIS A 44 22.45 3.77 -2.70
C HIS A 44 23.07 4.51 -1.53
N SER A 45 22.79 4.02 -0.33
CA SER A 45 23.34 4.65 0.89
C SER A 45 24.90 4.74 0.86
N SER A 46 25.53 3.78 0.18
CA SER A 46 27.00 3.82 0.17
C SER A 46 27.48 5.09 -0.55
N TYR A 47 26.74 5.53 -1.54
CA TYR A 47 27.11 6.74 -2.29
C TYR A 47 26.74 8.01 -1.49
N ALA A 48 25.58 7.99 -0.85
CA ALA A 48 25.17 9.13 -0.04
C ALA A 48 26.21 9.34 1.08
N ASN A 49 26.63 8.27 1.75
CA ASN A 49 27.62 8.38 2.83
C ASN A 49 28.95 8.91 2.31
N GLU A 50 29.37 8.40 1.16
CA GLU A 50 30.62 8.85 0.53
C GLU A 50 30.57 10.35 0.23
N GLN A 51 29.52 10.79 -0.47
CA GLN A 51 29.38 12.20 -0.79
C GLN A 51 29.21 13.08 0.43
N ASN A 52 28.48 12.60 1.44
CA ASN A 52 28.28 13.41 2.64
C ASN A 52 29.66 13.62 3.32
N GLN A 53 30.44 12.55 3.37
CA GLN A 53 31.77 12.60 3.97
C GLN A 53 32.67 13.52 3.16
N ALA A 54 32.35 13.71 1.87
CA ALA A 54 33.11 14.65 1.02
C ALA A 54 32.49 16.06 1.14
N GLY A 55 31.56 16.24 2.06
CA GLY A 55 31.00 17.57 2.24
C GLY A 55 29.71 17.88 1.49
N ARG A 56 29.21 16.95 0.69
CA ARG A 56 27.96 17.18 -0.04
C ARG A 56 26.87 16.59 0.85
N LYS A 57 26.48 17.36 1.85
CA LYS A 57 25.49 16.97 2.86
C LYS A 57 24.09 16.81 2.32
N ASP A 58 23.80 17.36 1.15
CA ASP A 58 22.42 17.23 0.66
C ASP A 58 22.17 15.98 -0.18
N VAL A 59 23.21 15.19 -0.42
CA VAL A 59 23.02 13.98 -1.19
C VAL A 59 22.41 12.98 -0.22
N GLU A 60 21.26 12.45 -0.56
CA GLU A 60 20.56 11.51 0.31
C GLU A 60 20.29 10.17 -0.37
N SER A 61 20.26 9.11 0.43
CA SER A 61 20.01 7.76 -0.08
C SER A 61 18.55 7.53 -0.40
N ASN A 62 18.28 6.41 -1.05
CA ASN A 62 16.93 6.02 -1.46
C ASN A 62 16.20 5.26 -0.37
N GLU A 63 16.75 5.19 0.85
CA GLU A 63 16.08 4.43 1.90
C GLU A 63 14.65 4.89 2.24
N LYS A 64 14.41 6.18 2.33
CA LYS A 64 13.05 6.66 2.64
C LYS A 64 12.08 6.37 1.44
N LEU A 65 12.54 6.59 0.21
CA LEU A 65 11.71 6.29 -0.96
C LEU A 65 11.42 4.80 -0.99
N GLU A 66 12.42 3.97 -0.68
CA GLU A 66 12.20 2.52 -0.65
C GLU A 66 11.10 2.15 0.37
N PHE A 67 11.10 2.83 1.52
CA PHE A 67 10.06 2.62 2.56
C PHE A 67 8.67 2.92 1.98
N LEU A 68 8.54 4.03 1.27
CA LEU A 68 7.23 4.38 0.69
C LEU A 68 6.96 3.47 -0.52
N GLY A 69 8.03 3.20 -1.28
CA GLY A 69 7.89 2.36 -2.46
C GLY A 69 7.34 0.98 -2.22
N ASP A 70 7.72 0.37 -1.10
CA ASP A 70 7.22 -0.96 -0.78
C ASP A 70 5.69 -0.92 -0.56
N ALA A 71 5.21 0.17 -0.01
CA ALA A 71 3.77 0.31 0.20
C ALA A 71 3.09 0.57 -1.18
N VAL A 72 3.75 1.33 -2.06
CA VAL A 72 3.18 1.61 -3.37
C VAL A 72 3.03 0.27 -4.12
N LEU A 73 4.10 -0.54 -4.08
CA LEU A 73 4.14 -1.83 -4.73
C LEU A 73 3.06 -2.77 -4.19
N GLU A 74 2.94 -2.87 -2.86
CA GLU A 74 1.93 -3.74 -2.23
C GLU A 74 0.52 -3.37 -2.70
N LEU A 75 0.19 -2.08 -2.71
CA LEU A 75 -1.14 -1.66 -3.16
C LEU A 75 -1.31 -1.98 -4.65
N PHE A 76 -0.29 -1.67 -5.44
CA PHE A 76 -0.33 -1.92 -6.88
C PHE A 76 -0.57 -3.42 -7.19
N VAL A 77 0.12 -4.30 -6.47
CA VAL A 77 -0.04 -5.74 -6.71
C VAL A 77 -1.39 -6.24 -6.15
N CYS A 78 -1.71 -5.86 -4.92
CA CYS A 78 -3.01 -6.29 -4.33
C CYS A 78 -4.20 -5.78 -5.17
N GLU A 79 -4.10 -4.59 -5.73
CA GLU A 79 -5.21 -4.07 -6.53
C GLU A 79 -5.39 -4.97 -7.76
N ILE A 80 -4.30 -5.35 -8.40
CA ILE A 80 -4.37 -6.24 -9.58
C ILE A 80 -5.01 -7.60 -9.18
N LEU A 81 -4.59 -8.14 -8.05
CA LEU A 81 -5.12 -9.40 -7.58
C LEU A 81 -6.61 -9.29 -7.28
N TYR A 82 -6.98 -8.23 -6.58
CA TYR A 82 -8.37 -8.07 -6.19
C TYR A 82 -9.27 -7.99 -7.44
N LYS A 83 -8.85 -7.18 -8.41
CA LYS A 83 -9.64 -6.96 -9.63
C LYS A 83 -9.64 -8.07 -10.66
N LYS A 84 -8.49 -8.72 -10.85
CA LYS A 84 -8.35 -9.78 -11.84
C LYS A 84 -8.72 -11.18 -11.41
N TYR A 85 -8.67 -11.47 -10.11
CA TYR A 85 -8.98 -12.81 -9.64
C TYR A 85 -10.09 -12.84 -8.59
N PRO A 86 -11.27 -12.33 -8.94
CA PRO A 86 -12.38 -12.32 -8.00
C PRO A 86 -12.78 -13.69 -7.43
N GLU A 87 -12.49 -14.76 -8.15
CA GLU A 87 -12.86 -16.10 -7.67
C GLU A 87 -11.77 -16.77 -6.83
N ALA A 88 -10.62 -16.14 -6.71
CA ALA A 88 -9.52 -16.70 -5.95
C ALA A 88 -9.76 -16.73 -4.44
N GLU A 89 -9.28 -17.78 -3.79
CA GLU A 89 -9.41 -17.89 -2.35
C GLU A 89 -8.43 -16.85 -1.77
N VAL A 90 -8.77 -16.24 -0.64
CA VAL A 90 -7.92 -15.22 -0.06
C VAL A 90 -6.51 -15.75 0.25
N GLY A 91 -6.41 -17.03 0.57
CA GLY A 91 -5.11 -17.61 0.85
C GLY A 91 -4.24 -17.60 -0.39
N ASP A 92 -4.89 -17.60 -1.55
CA ASP A 92 -4.20 -17.58 -2.84
C ASP A 92 -3.76 -16.16 -3.19
N LEU A 93 -4.62 -15.18 -2.91
CA LEU A 93 -4.24 -13.79 -3.16
C LEU A 93 -2.94 -13.51 -2.39
N ALA A 94 -2.93 -13.87 -1.11
CA ALA A 94 -1.76 -13.65 -0.24
C ALA A 94 -0.48 -14.37 -0.71
N ARG A 95 -0.65 -15.60 -1.18
CA ARG A 95 0.47 -16.37 -1.68
C ARG A 95 1.06 -15.63 -2.88
N VAL A 96 0.21 -15.28 -3.84
CA VAL A 96 0.67 -14.60 -5.05
C VAL A 96 1.27 -13.23 -4.74
N LYS A 97 0.61 -12.49 -3.85
CA LYS A 97 1.11 -11.16 -3.48
C LYS A 97 2.56 -11.24 -3.04
N SER A 98 2.83 -12.12 -2.09
CA SER A 98 4.19 -12.29 -1.60
C SER A 98 5.17 -12.68 -2.68
N ALA A 99 4.74 -13.53 -3.60
CA ALA A 99 5.62 -13.97 -4.66
C ALA A 99 5.88 -12.87 -5.69
N ALA A 100 4.87 -12.07 -5.97
CA ALA A 100 4.98 -11.01 -6.95
C ALA A 100 5.82 -9.83 -6.51
N ALA A 101 5.83 -9.58 -5.21
CA ALA A 101 6.58 -8.45 -4.67
C ALA A 101 7.93 -8.88 -4.09
N SER A 102 8.32 -10.12 -4.32
CA SER A 102 9.59 -10.62 -3.79
C SER A 102 10.82 -9.98 -4.43
N GLU A 103 11.94 -10.04 -3.71
CA GLU A 103 13.24 -9.52 -4.16
C GLU A 103 13.56 -10.15 -5.53
N GLU A 104 13.34 -11.46 -5.63
CA GLU A 104 13.60 -12.19 -6.86
C GLU A 104 12.90 -11.58 -8.09
N VAL A 105 11.58 -11.34 -7.99
CA VAL A 105 10.85 -10.75 -9.12
C VAL A 105 11.34 -9.32 -9.39
N LEU A 106 11.46 -8.53 -8.33
CA LEU A 106 11.88 -7.14 -8.50
C LEU A 106 13.29 -6.99 -9.11
N ALA A 107 14.23 -7.84 -8.71
CA ALA A 107 15.58 -7.79 -9.27
C ALA A 107 15.45 -8.14 -10.77
N MET A 108 14.61 -9.12 -11.09
CA MET A 108 14.40 -9.53 -12.50
C MET A 108 13.91 -8.28 -13.27
N VAL A 109 12.89 -7.63 -12.71
CA VAL A 109 12.34 -6.44 -13.36
C VAL A 109 13.41 -5.37 -13.50
N SER A 110 14.21 -5.18 -12.44
CA SER A 110 15.27 -4.18 -12.47
C SER A 110 16.29 -4.46 -13.56
N ARG A 111 16.71 -5.72 -13.67
CA ARG A 111 17.70 -6.07 -14.69
C ARG A 111 17.15 -5.82 -16.09
N LYS A 112 15.89 -6.16 -16.30
CA LYS A 112 15.29 -5.97 -17.61
C LYS A 112 15.31 -4.51 -18.04
N MET A 113 15.33 -3.62 -17.05
CA MET A 113 15.33 -2.19 -17.23
C MET A 113 16.79 -1.65 -17.26
N ASN A 114 17.77 -2.54 -17.07
CA ASN A 114 19.19 -2.13 -17.01
C ASN A 114 19.35 -1.11 -15.87
N LEU A 115 18.58 -1.31 -14.79
CA LEU A 115 18.61 -0.40 -13.65
C LEU A 115 20.02 -0.27 -13.03
N GLY A 116 20.77 -1.37 -13.01
CA GLY A 116 22.11 -1.37 -12.47
C GLY A 116 23.02 -0.31 -13.09
N LYS A 117 22.83 0.00 -14.36
CA LYS A 117 23.63 1.01 -15.05
C LYS A 117 23.51 2.38 -14.41
N PHE A 118 22.30 2.70 -13.94
CA PHE A 118 22.00 4.02 -13.38
C PHE A 118 22.12 4.23 -11.87
N LEU A 119 22.49 3.20 -11.13
CA LEU A 119 22.64 3.34 -9.66
C LEU A 119 23.86 4.15 -9.27
N PHE A 120 23.76 4.86 -8.15
CA PHE A 120 24.90 5.61 -7.68
C PHE A 120 25.37 4.79 -6.47
N LEU A 121 26.61 4.35 -6.53
CA LEU A 121 27.20 3.52 -5.50
C LEU A 121 28.51 4.11 -5.04
N GLY A 122 28.85 3.88 -3.77
CA GLY A 122 30.12 4.34 -3.24
C GLY A 122 31.20 3.51 -3.93
N LYS A 123 32.44 4.00 -3.97
CA LYS A 123 33.50 3.26 -4.63
C LYS A 123 33.72 1.83 -4.11
N GLY A 124 33.70 1.64 -2.79
CA GLY A 124 33.88 0.32 -2.24
C GLY A 124 32.76 -0.64 -2.66
N GLU A 125 31.54 -0.13 -2.66
CA GLU A 125 30.37 -0.93 -3.03
C GLU A 125 30.50 -1.33 -4.50
N GLU A 126 30.99 -0.41 -5.30
CA GLU A 126 31.19 -0.64 -6.72
C GLU A 126 32.23 -1.77 -6.92
N LYS A 127 33.37 -1.64 -6.24
CA LYS A 127 34.51 -2.60 -6.28
C LYS A 127 34.07 -4.02 -5.81
N THR A 128 33.11 -4.11 -4.91
CA THR A 128 32.68 -5.42 -4.41
C THR A 128 31.38 -6.00 -4.96
N GLY A 129 31.01 -5.59 -6.17
CA GLY A 129 29.84 -6.19 -6.79
C GLY A 129 28.44 -5.67 -6.49
N GLY A 130 28.36 -4.55 -5.78
CA GLY A 130 27.05 -4.04 -5.44
C GLY A 130 26.10 -3.77 -6.61
N ARG A 131 26.65 -3.42 -7.77
CA ARG A 131 25.80 -3.10 -8.92
C ARG A 131 25.03 -4.34 -9.46
N ASP A 132 25.46 -5.52 -9.02
CA ASP A 132 24.82 -6.79 -9.43
C ASP A 132 24.05 -7.42 -8.26
N ARG A 133 23.99 -6.73 -7.12
CA ARG A 133 23.33 -7.28 -5.94
C ARG A 133 21.81 -7.22 -5.99
N ASP A 134 21.19 -8.40 -5.96
CA ASP A 134 19.74 -8.51 -5.99
C ASP A 134 19.07 -7.54 -5.01
N SER A 135 19.53 -7.51 -3.78
CA SER A 135 18.92 -6.63 -2.77
C SER A 135 19.00 -5.16 -3.14
N ILE A 136 20.15 -4.73 -3.65
CA ILE A 136 20.31 -3.33 -4.02
C ILE A 136 19.41 -3.00 -5.21
N LEU A 137 19.31 -3.92 -6.17
CA LEU A 137 18.50 -3.65 -7.34
C LEU A 137 17.02 -3.59 -6.96
N ALA A 138 16.57 -4.57 -6.18
CA ALA A 138 15.17 -4.64 -5.77
C ALA A 138 14.83 -3.38 -4.99
N ASP A 139 15.70 -3.04 -4.04
CA ASP A 139 15.51 -1.84 -3.23
C ASP A 139 15.40 -0.59 -4.11
N ALA A 140 16.33 -0.43 -5.06
CA ALA A 140 16.27 0.75 -5.93
C ALA A 140 14.97 0.74 -6.74
N PHE A 141 14.48 -0.44 -7.09
CA PHE A 141 13.27 -0.47 -7.90
C PHE A 141 12.08 0.07 -7.09
N GLU A 142 12.00 -0.37 -5.83
CA GLU A 142 10.94 0.08 -4.95
C GLU A 142 11.02 1.60 -4.75
N ALA A 143 12.25 2.10 -4.57
CA ALA A 143 12.47 3.54 -4.40
C ALA A 143 12.00 4.27 -5.68
N LEU A 144 12.25 3.67 -6.83
CA LEU A 144 11.85 4.29 -8.10
C LEU A 144 10.33 4.39 -8.15
N LEU A 145 9.63 3.35 -7.73
CA LEU A 145 8.17 3.40 -7.73
C LEU A 145 7.69 4.55 -6.85
N ALA A 146 8.31 4.73 -5.68
CA ALA A 146 7.92 5.85 -4.81
C ALA A 146 8.20 7.19 -5.50
N ALA A 147 9.33 7.31 -6.19
CA ALA A 147 9.68 8.55 -6.88
C ALA A 147 8.66 8.85 -7.98
N ILE A 148 8.31 7.83 -8.78
CA ILE A 148 7.31 8.03 -9.83
C ILE A 148 5.94 8.39 -9.17
N TYR A 149 5.61 7.67 -8.10
CA TYR A 149 4.36 7.91 -7.37
C TYR A 149 4.29 9.37 -6.91
N LEU A 150 5.37 9.83 -6.26
CA LEU A 150 5.44 11.19 -5.79
C LEU A 150 5.48 12.22 -6.93
N ASP A 151 6.22 11.92 -7.99
CA ASP A 151 6.35 12.87 -9.10
C ASP A 151 5.12 12.96 -10.01
N GLN A 152 4.58 11.81 -10.38
CA GLN A 152 3.50 11.72 -11.35
C GLN A 152 2.24 10.98 -10.95
N GLY A 153 2.23 10.36 -9.76
CA GLY A 153 1.03 9.67 -9.33
C GLY A 153 0.87 8.20 -9.59
N TYR A 154 -0.11 7.61 -8.89
CA TYR A 154 -0.43 6.19 -8.99
C TYR A 154 -0.85 5.76 -10.41
N GLU A 155 -1.54 6.63 -11.15
CA GLU A 155 -1.96 6.25 -12.50
C GLU A 155 -0.76 6.03 -13.40
N LYS A 156 0.30 6.79 -13.18
CA LYS A 156 1.49 6.62 -14.00
C LYS A 156 2.13 5.26 -13.72
N ILE A 157 2.14 4.87 -12.44
CA ILE A 157 2.69 3.58 -12.06
C ILE A 157 1.91 2.48 -12.84
N LYS A 158 0.60 2.58 -12.87
CA LYS A 158 -0.16 1.56 -13.60
C LYS A 158 0.19 1.65 -15.08
N GLU A 159 0.20 2.85 -15.62
CA GLU A 159 0.54 3.03 -17.01
C GLU A 159 1.86 2.30 -17.38
N LEU A 160 2.89 2.53 -16.58
CA LEU A 160 4.20 1.93 -16.88
C LEU A 160 4.39 0.46 -16.55
N PHE A 161 3.65 -0.04 -15.58
CA PHE A 161 3.91 -1.38 -15.04
C PHE A 161 2.78 -2.37 -14.88
N GLU A 162 1.54 -1.93 -15.01
CA GLU A 162 0.45 -2.87 -14.81
C GLU A 162 0.48 -4.07 -15.76
N GLN A 163 0.72 -3.83 -17.04
CA GLN A 163 0.71 -4.91 -18.03
C GLN A 163 1.79 -5.90 -17.71
N GLU A 164 2.96 -5.41 -17.39
CA GLU A 164 4.08 -6.27 -17.06
C GLU A 164 3.80 -7.09 -15.83
N PHE A 165 3.24 -6.46 -14.79
CA PHE A 165 2.98 -7.21 -13.56
C PHE A 165 1.76 -8.12 -13.63
N GLU A 166 0.79 -7.76 -14.43
CA GLU A 166 -0.36 -8.62 -14.63
C GLU A 166 0.18 -9.95 -15.19
N PHE A 167 1.19 -9.87 -16.06
CA PHE A 167 1.77 -11.08 -16.65
C PHE A 167 2.46 -11.93 -15.58
N TYR A 168 3.28 -11.30 -14.73
CA TYR A 168 3.97 -12.04 -13.68
C TYR A 168 2.95 -12.65 -12.70
N ILE A 169 1.96 -11.87 -12.32
CA ILE A 169 0.95 -12.39 -11.40
C ILE A 169 0.18 -13.57 -12.02
N GLU A 170 -0.09 -13.52 -13.33
CA GLU A 170 -0.82 -14.62 -13.98
C GLU A 170 0.04 -15.88 -13.89
N LYS A 171 1.33 -15.77 -14.21
CA LYS A 171 2.25 -16.91 -14.15
C LYS A 171 2.23 -17.53 -12.74
N ILE A 172 2.43 -16.68 -11.74
CA ILE A 172 2.46 -17.15 -10.37
C ILE A 172 1.10 -17.75 -9.95
N MET A 173 0.00 -17.09 -10.30
CA MET A 173 -1.30 -17.60 -9.88
C MET A 173 -1.50 -19.01 -10.45
N LYS A 174 -1.04 -19.22 -11.69
CA LYS A 174 -1.17 -20.52 -12.37
C LYS A 174 -0.12 -21.54 -11.95
N GLY A 175 0.70 -21.17 -10.96
CA GLY A 175 1.74 -22.05 -10.47
C GLY A 175 2.83 -22.33 -11.50
N GLU A 176 3.02 -21.44 -12.45
CA GLU A 176 4.04 -21.62 -13.48
C GLU A 176 5.28 -20.92 -12.97
N MET A 177 6.42 -21.59 -12.99
CA MET A 177 7.63 -20.96 -12.49
C MET A 177 7.93 -19.69 -13.28
N LEU A 178 8.34 -18.65 -12.55
CA LEU A 178 8.64 -17.36 -13.15
C LEU A 178 10.13 -16.98 -13.10
N PHE A 179 10.70 -16.73 -14.28
CA PHE A 179 12.10 -16.32 -14.41
C PHE A 179 12.30 -15.69 -15.80
N ASP A 180 13.54 -15.28 -16.13
CA ASP A 180 13.83 -14.68 -17.44
C ASP A 180 13.75 -15.81 -18.48
N TYR A 181 12.56 -16.07 -18.98
CA TYR A 181 12.35 -17.14 -19.95
C TYR A 181 13.28 -17.11 -21.17
N LYS A 182 13.37 -15.98 -21.83
CA LYS A 182 14.19 -15.91 -23.03
C LYS A 182 15.65 -16.26 -22.79
N THR A 183 16.21 -15.80 -21.67
CA THR A 183 17.60 -16.10 -21.39
C THR A 183 17.80 -17.60 -21.08
N ALA A 184 16.86 -18.20 -20.35
CA ALA A 184 16.96 -19.61 -20.02
C ALA A 184 16.87 -20.48 -21.28
N LEU A 185 15.92 -20.14 -22.16
CA LEU A 185 15.72 -20.90 -23.40
C LEU A 185 16.97 -20.84 -24.29
N GLN A 186 17.54 -19.65 -24.40
CA GLN A 186 18.71 -19.49 -25.24
C GLN A 186 19.86 -20.37 -24.77
N GLU A 187 20.06 -20.40 -23.45
CA GLU A 187 21.12 -21.19 -22.86
C GLU A 187 20.95 -22.67 -23.17
N ILE A 188 19.72 -23.15 -23.01
CA ILE A 188 19.46 -24.56 -23.26
C ILE A 188 19.51 -24.91 -24.78
N VAL A 189 19.09 -23.98 -25.64
CA VAL A 189 19.10 -24.27 -27.07
C VAL A 189 20.53 -24.22 -27.63
N GLN A 190 21.33 -23.28 -27.15
CA GLN A 190 22.72 -23.18 -27.61
C GLN A 190 23.48 -24.43 -27.13
N SER A 191 23.25 -24.82 -25.89
CA SER A 191 23.92 -25.99 -25.36
C SER A 191 23.63 -27.26 -26.15
N GLU A 192 22.38 -27.47 -26.52
CA GLU A 192 22.05 -28.69 -27.24
C GLU A 192 22.13 -28.64 -28.74
N HIS A 193 22.02 -27.46 -29.35
CA HIS A 193 22.06 -27.33 -30.80
C HIS A 193 23.12 -26.42 -31.39
N LYS A 194 23.84 -25.72 -30.53
CA LYS A 194 24.87 -24.80 -30.98
C LYS A 194 24.36 -23.65 -31.86
N VAL A 195 23.06 -23.37 -31.78
CA VAL A 195 22.47 -22.24 -32.49
C VAL A 195 21.45 -21.60 -31.53
N PRO A 196 21.11 -20.33 -31.77
CA PRO A 196 20.15 -19.69 -30.88
C PRO A 196 18.70 -19.86 -31.34
N PRO A 197 17.73 -19.64 -30.44
CA PRO A 197 16.32 -19.78 -30.84
C PRO A 197 15.91 -18.58 -31.68
N GLU A 198 14.96 -18.78 -32.58
CA GLU A 198 14.48 -17.68 -33.41
C GLU A 198 13.02 -17.40 -33.04
N TYR A 199 12.68 -16.12 -32.91
CA TYR A 199 11.30 -15.74 -32.57
C TYR A 199 10.65 -15.14 -33.80
N ILE A 200 9.48 -15.67 -34.14
CA ILE A 200 8.73 -15.19 -35.30
C ILE A 200 7.29 -14.77 -34.94
N LEU A 201 6.95 -13.51 -35.19
CA LEU A 201 5.60 -13.05 -34.94
C LEU A 201 4.84 -13.63 -36.13
N VAL A 202 3.98 -14.61 -35.89
CA VAL A 202 3.27 -15.21 -37.00
C VAL A 202 1.91 -14.60 -37.30
N ARG A 203 1.34 -13.92 -36.32
CA ARG A 203 0.05 -13.28 -36.53
C ARG A 203 -0.35 -12.47 -35.31
N THR A 204 -1.46 -11.76 -35.44
CA THR A 204 -1.97 -11.00 -34.30
C THR A 204 -3.46 -11.29 -34.23
N GLU A 205 -4.03 -11.14 -33.05
CA GLU A 205 -5.45 -11.39 -32.84
C GLU A 205 -5.97 -10.26 -31.97
N LYS A 206 -7.29 -10.18 -31.81
CA LYS A 206 -7.90 -9.12 -31.01
C LYS A 206 -8.95 -9.74 -30.12
N ASN A 207 -8.55 -10.73 -29.34
CA ASN A 207 -9.48 -11.40 -28.43
C ASN A 207 -9.48 -10.78 -27.04
N ASP A 208 -10.64 -10.85 -26.38
CA ASP A 208 -10.82 -10.30 -25.03
C ASP A 208 -10.87 -8.76 -25.04
N GLY A 209 -10.58 -8.16 -26.20
CA GLY A 209 -10.57 -6.71 -26.31
C GLY A 209 -9.16 -6.18 -26.57
N ASP A 210 -8.16 -6.89 -26.05
CA ASP A 210 -6.75 -6.51 -26.23
C ASP A 210 -6.22 -7.04 -27.55
N ARG A 211 -5.21 -6.36 -28.09
CA ARG A 211 -4.61 -6.85 -29.32
C ARG A 211 -3.67 -7.96 -28.84
N ILE A 212 -3.64 -9.08 -29.57
CA ILE A 212 -2.81 -10.20 -29.17
C ILE A 212 -1.82 -10.62 -30.24
N PHE A 213 -0.55 -10.72 -29.82
CA PHE A 213 0.55 -11.14 -30.69
C PHE A 213 0.82 -12.63 -30.50
N VAL A 214 1.00 -13.35 -31.60
CA VAL A 214 1.25 -14.80 -31.56
C VAL A 214 2.64 -15.04 -32.11
N VAL A 215 3.52 -15.55 -31.26
CA VAL A 215 4.91 -15.78 -31.63
C VAL A 215 5.28 -17.25 -31.50
N GLU A 216 6.01 -17.76 -32.49
CA GLU A 216 6.48 -19.13 -32.46
C GLU A 216 7.96 -19.02 -32.22
N VAL A 217 8.49 -19.90 -31.40
CA VAL A 217 9.92 -19.91 -31.18
C VAL A 217 10.37 -21.15 -31.96
N ARG A 218 11.42 -21.01 -32.75
CA ARG A 218 11.92 -22.12 -33.56
C ARG A 218 13.40 -22.35 -33.36
N VAL A 219 13.83 -23.56 -33.67
CA VAL A 219 15.24 -23.93 -33.58
C VAL A 219 15.50 -24.66 -34.90
N ASN A 220 16.48 -24.19 -35.66
CA ASN A 220 16.79 -24.82 -36.95
C ASN A 220 15.55 -24.85 -37.86
N GLY A 221 14.76 -23.78 -37.83
CA GLY A 221 13.58 -23.73 -38.66
C GLY A 221 12.37 -24.50 -38.13
N LYS A 222 12.59 -25.36 -37.15
CA LYS A 222 11.46 -26.13 -36.60
C LYS A 222 10.79 -25.40 -35.43
N THR A 223 9.48 -25.22 -35.53
CA THR A 223 8.69 -24.58 -34.48
C THR A 223 8.63 -25.46 -33.23
N ILE A 224 9.16 -24.92 -32.14
CA ILE A 224 9.16 -25.63 -30.86
C ILE A 224 7.89 -25.35 -30.07
N ALA A 225 7.47 -24.09 -30.07
CA ALA A 225 6.30 -23.69 -29.30
C ALA A 225 5.75 -22.36 -29.78
N THR A 226 4.49 -22.14 -29.45
CA THR A 226 3.81 -20.91 -29.80
C THR A 226 3.35 -20.25 -28.51
N GLY A 227 3.59 -18.95 -28.40
CA GLY A 227 3.17 -18.21 -27.24
C GLY A 227 2.35 -16.99 -27.65
N LYS A 228 1.44 -16.57 -26.78
CA LYS A 228 0.59 -15.41 -27.05
C LYS A 228 0.74 -14.36 -25.93
N GLY A 229 0.59 -13.08 -26.28
CA GLY A 229 0.71 -12.01 -25.29
C GLY A 229 0.10 -10.71 -25.79
N ARG A 230 0.00 -9.69 -24.93
CA ARG A 230 -0.57 -8.40 -25.31
C ARG A 230 0.41 -7.49 -26.06
N THR A 231 1.68 -7.91 -26.13
CA THR A 231 2.70 -7.17 -26.86
C THR A 231 3.59 -8.24 -27.50
N LYS A 232 4.43 -7.83 -28.44
CA LYS A 232 5.35 -8.71 -29.14
C LYS A 232 6.32 -9.29 -28.09
N LYS A 233 6.82 -8.41 -27.24
CA LYS A 233 7.73 -8.83 -26.17
C LYS A 233 7.10 -9.89 -25.28
N GLU A 234 5.90 -9.63 -24.79
CA GLU A 234 5.22 -10.58 -23.92
C GLU A 234 5.00 -11.94 -24.60
N ALA A 235 4.57 -11.92 -25.86
CA ALA A 235 4.33 -13.15 -26.60
C ALA A 235 5.65 -13.93 -26.71
N GLU A 236 6.75 -13.24 -27.01
CA GLU A 236 8.06 -13.89 -27.08
C GLU A 236 8.41 -14.55 -25.74
N LYS A 237 8.15 -13.85 -24.65
CA LYS A 237 8.42 -14.39 -23.31
C LYS A 237 7.59 -15.66 -23.08
N GLU A 238 6.30 -15.59 -23.43
CA GLU A 238 5.39 -16.71 -23.23
C GLU A 238 5.88 -17.90 -24.05
N ALA A 239 6.20 -17.62 -25.32
CA ALA A 239 6.70 -18.65 -26.24
C ALA A 239 7.97 -19.33 -25.65
N ALA A 240 8.87 -18.53 -25.07
CA ALA A 240 10.10 -19.08 -24.50
C ALA A 240 9.74 -19.95 -23.29
N ARG A 241 8.77 -19.50 -22.49
CA ARG A 241 8.37 -20.28 -21.31
C ARG A 241 7.88 -21.68 -21.72
N ILE A 242 6.98 -21.72 -22.70
CA ILE A 242 6.40 -22.94 -23.20
C ILE A 242 7.47 -23.86 -23.83
N ALA A 243 8.32 -23.29 -24.66
CA ALA A 243 9.39 -24.06 -25.26
C ALA A 243 10.35 -24.58 -24.20
N TYR A 244 10.68 -23.75 -23.20
CA TYR A 244 11.59 -24.22 -22.17
C TYR A 244 11.02 -25.43 -21.43
N GLU A 245 9.78 -25.29 -20.96
CA GLU A 245 9.10 -26.36 -20.22
C GLU A 245 8.97 -27.63 -21.06
N LYS A 246 8.72 -27.45 -22.36
CA LYS A 246 8.58 -28.58 -23.29
C LYS A 246 9.91 -29.26 -23.51
N LEU A 247 10.94 -28.49 -23.84
CA LEU A 247 12.25 -29.06 -24.09
C LEU A 247 12.78 -29.82 -22.88
N LEU A 248 12.38 -29.40 -21.69
CA LEU A 248 12.82 -30.09 -20.49
C LEU A 248 11.85 -31.22 -20.11
N HIS B 11 -26.08 -9.98 -6.02
CA HIS B 11 -26.66 -9.87 -4.64
C HIS B 11 -27.71 -8.79 -4.42
N HIS B 12 -28.93 -9.21 -4.14
CA HIS B 12 -30.03 -8.28 -3.90
C HIS B 12 -30.07 -8.04 -2.38
N MET B 13 -30.03 -6.78 -1.96
CA MET B 13 -30.08 -6.49 -0.53
C MET B 13 -31.51 -6.60 -0.02
N ASN B 14 -31.73 -7.40 1.01
CA ASN B 14 -33.07 -7.53 1.55
C ASN B 14 -33.35 -6.32 2.44
N GLU B 15 -34.56 -6.23 2.98
CA GLU B 15 -34.95 -5.08 3.78
C GLU B 15 -34.06 -4.71 4.94
N SER B 16 -33.63 -5.69 5.73
CA SER B 16 -32.77 -5.36 6.84
C SER B 16 -31.37 -4.95 6.40
N GLU B 17 -30.88 -5.50 5.30
CA GLU B 17 -29.55 -5.13 4.82
C GLU B 17 -29.61 -3.72 4.23
N ARG B 18 -30.71 -3.44 3.55
CA ARG B 18 -30.94 -2.16 2.93
C ARG B 18 -30.99 -1.06 4.00
N LYS B 19 -31.70 -1.31 5.09
CA LYS B 19 -31.77 -0.30 6.15
C LYS B 19 -30.44 0.01 6.79
N ILE B 20 -29.62 -1.02 7.01
CA ILE B 20 -28.30 -0.84 7.62
C ILE B 20 -27.43 0.03 6.69
N VAL B 21 -27.44 -0.30 5.41
CA VAL B 21 -26.65 0.40 4.41
C VAL B 21 -27.07 1.86 4.31
N GLU B 22 -28.38 2.11 4.31
CA GLU B 22 -28.89 3.47 4.22
C GLU B 22 -28.43 4.23 5.47
N GLU B 23 -28.60 3.61 6.64
CA GLU B 23 -28.21 4.26 7.89
C GLU B 23 -26.71 4.56 7.92
N PHE B 24 -25.89 3.61 7.49
CA PHE B 24 -24.45 3.86 7.52
C PHE B 24 -24.10 5.14 6.76
N GLN B 25 -24.66 5.26 5.56
CA GLN B 25 -24.40 6.42 4.71
C GLN B 25 -24.90 7.74 5.34
N LYS B 26 -26.11 7.71 5.90
CA LYS B 26 -26.66 8.88 6.53
C LYS B 26 -25.85 9.25 7.77
N GLU B 27 -25.56 8.27 8.62
CA GLU B 27 -24.80 8.55 9.85
C GLU B 27 -23.39 9.08 9.63
N THR B 28 -22.63 8.40 8.77
CA THR B 28 -21.25 8.79 8.53
C THR B 28 -21.08 9.85 7.45
N GLY B 29 -22.08 10.01 6.61
CA GLY B 29 -21.99 10.99 5.53
C GLY B 29 -21.22 10.46 4.33
N ILE B 30 -20.72 9.23 4.42
CA ILE B 30 -19.97 8.61 3.32
C ILE B 30 -20.99 7.92 2.42
N ASN B 31 -21.37 8.60 1.34
CA ASN B 31 -22.34 8.04 0.42
C ASN B 31 -21.67 7.28 -0.70
N PHE B 32 -22.17 6.08 -0.95
CA PHE B 32 -21.59 5.22 -1.98
C PHE B 32 -22.32 5.28 -3.30
N LYS B 33 -21.58 5.20 -4.40
CA LYS B 33 -22.19 5.16 -5.72
C LYS B 33 -22.62 3.70 -5.88
N ASN B 34 -21.73 2.78 -5.50
CA ASN B 34 -22.01 1.34 -5.57
C ASN B 34 -22.20 0.77 -4.16
N GLU B 35 -23.45 0.69 -3.69
CA GLU B 35 -23.74 0.21 -2.34
C GLU B 35 -23.36 -1.20 -2.01
N GLU B 36 -23.16 -2.03 -3.04
CA GLU B 36 -22.75 -3.41 -2.84
C GLU B 36 -21.36 -3.48 -2.20
N LEU B 37 -20.51 -2.49 -2.52
CA LEU B 37 -19.17 -2.41 -1.97
C LEU B 37 -19.27 -2.14 -0.49
N LEU B 38 -20.18 -1.24 -0.10
CA LEU B 38 -20.38 -0.91 1.31
C LEU B 38 -20.92 -2.14 2.07
N PHE B 39 -21.88 -2.83 1.47
CA PHE B 39 -22.46 -4.02 2.08
C PHE B 39 -21.42 -5.10 2.32
N ARG B 40 -20.66 -5.41 1.29
CA ARG B 40 -19.65 -6.42 1.39
C ARG B 40 -18.65 -6.08 2.50
N ALA B 41 -18.24 -4.80 2.62
CA ALA B 41 -17.27 -4.41 3.64
C ALA B 41 -17.75 -4.69 5.05
N LEU B 42 -19.05 -4.50 5.24
CA LEU B 42 -19.71 -4.72 6.51
C LEU B 42 -20.05 -6.19 6.79
N CYS B 43 -19.89 -7.08 5.81
CA CYS B 43 -20.23 -8.51 6.04
C CYS B 43 -19.15 -9.43 6.59
N HIS B 44 -19.33 -9.83 7.84
CA HIS B 44 -18.41 -10.76 8.46
C HIS B 44 -18.71 -12.13 7.83
N SER B 45 -17.67 -12.97 7.75
CA SER B 45 -17.78 -14.31 7.18
C SER B 45 -18.91 -15.13 7.82
N SER B 46 -19.12 -14.95 9.13
CA SER B 46 -20.19 -15.68 9.81
C SER B 46 -21.56 -15.33 9.19
N TYR B 47 -21.76 -14.07 8.80
CA TYR B 47 -23.03 -13.68 8.19
C TYR B 47 -23.14 -14.25 6.77
N ALA B 48 -22.10 -14.06 5.96
CA ALA B 48 -22.08 -14.58 4.60
C ALA B 48 -22.34 -16.11 4.59
N ASN B 49 -21.67 -16.86 5.48
CA ASN B 49 -21.83 -18.31 5.54
C ASN B 49 -23.27 -18.72 5.96
N GLU B 50 -23.80 -18.00 6.94
CA GLU B 50 -25.15 -18.22 7.41
C GLU B 50 -26.11 -17.99 6.23
N GLN B 51 -25.97 -16.87 5.52
CA GLN B 51 -26.85 -16.56 4.40
C GLN B 51 -26.68 -17.54 3.23
N ASN B 52 -25.45 -17.93 2.93
CA ASN B 52 -25.19 -18.88 1.83
C ASN B 52 -25.91 -20.21 2.11
N GLN B 53 -25.76 -20.69 3.34
CA GLN B 53 -26.38 -21.92 3.77
C GLN B 53 -27.91 -21.84 3.69
N ALA B 54 -28.44 -20.61 3.67
CA ALA B 54 -29.88 -20.42 3.56
C ALA B 54 -30.26 -20.11 2.12
N GLY B 55 -29.35 -20.34 1.18
CA GLY B 55 -29.67 -20.11 -0.23
C GLY B 55 -29.32 -18.78 -0.88
N ARG B 56 -28.83 -17.82 -0.10
CA ARG B 56 -28.47 -16.55 -0.69
C ARG B 56 -26.97 -16.68 -0.96
N LYS B 57 -26.66 -17.25 -2.11
CA LYS B 57 -25.28 -17.51 -2.49
C LYS B 57 -24.44 -16.31 -2.87
N ASP B 58 -25.08 -15.19 -3.21
CA ASP B 58 -24.33 -14.01 -3.59
C ASP B 58 -23.95 -13.09 -2.41
N VAL B 59 -24.27 -13.51 -1.18
CA VAL B 59 -23.87 -12.71 -0.03
C VAL B 59 -22.42 -13.09 0.19
N GLU B 60 -21.50 -12.13 0.07
CA GLU B 60 -20.07 -12.41 0.24
C GLU B 60 -19.45 -11.70 1.45
N SER B 61 -18.45 -12.30 2.08
CA SER B 61 -17.84 -11.65 3.23
C SER B 61 -16.91 -10.51 2.82
N ASN B 62 -16.41 -9.79 3.82
CA ASN B 62 -15.50 -8.68 3.58
C ASN B 62 -14.02 -9.12 3.50
N GLU B 63 -13.75 -10.42 3.48
CA GLU B 63 -12.36 -10.89 3.46
C GLU B 63 -11.52 -10.40 2.27
N LYS B 64 -12.05 -10.38 1.05
CA LYS B 64 -11.23 -9.89 -0.11
C LYS B 64 -11.01 -8.37 -0.04
N LEU B 65 -12.04 -7.64 0.38
CA LEU B 65 -11.93 -6.20 0.50
C LEU B 65 -10.93 -5.90 1.60
N GLU B 66 -10.94 -6.72 2.64
CA GLU B 66 -9.98 -6.49 3.70
C GLU B 66 -8.53 -6.70 3.21
N PHE B 67 -8.35 -7.68 2.33
CA PHE B 67 -7.03 -7.97 1.74
C PHE B 67 -6.58 -6.73 0.96
N LEU B 68 -7.47 -6.14 0.19
CA LEU B 68 -7.07 -4.94 -0.55
C LEU B 68 -6.92 -3.77 0.44
N GLY B 69 -7.88 -3.68 1.36
CA GLY B 69 -7.89 -2.59 2.32
C GLY B 69 -6.63 -2.47 3.14
N ASP B 70 -6.04 -3.62 3.46
CA ASP B 70 -4.81 -3.58 4.24
C ASP B 70 -3.70 -2.84 3.44
N ALA B 71 -3.62 -3.06 2.14
CA ALA B 71 -2.62 -2.38 1.31
C ALA B 71 -2.94 -0.90 1.16
N VAL B 72 -4.24 -0.59 1.10
CA VAL B 72 -4.62 0.81 0.97
C VAL B 72 -4.15 1.53 2.26
N LEU B 73 -4.44 0.93 3.41
CA LEU B 73 -4.05 1.48 4.71
C LEU B 73 -2.53 1.66 4.81
N GLU B 74 -1.77 0.64 4.38
CA GLU B 74 -0.31 0.75 4.46
C GLU B 74 0.24 1.90 3.64
N LEU B 75 -0.31 2.11 2.45
CA LEU B 75 0.17 3.20 1.60
C LEU B 75 -0.27 4.54 2.23
N PHE B 76 -1.47 4.57 2.75
CA PHE B 76 -1.99 5.80 3.36
C PHE B 76 -1.10 6.24 4.52
N VAL B 77 -0.78 5.30 5.41
CA VAL B 77 0.06 5.61 6.56
C VAL B 77 1.51 5.91 6.14
N CYS B 78 2.05 5.10 5.24
CA CYS B 78 3.42 5.34 4.78
C CYS B 78 3.57 6.69 4.08
N GLU B 79 2.59 7.08 3.31
CA GLU B 79 2.66 8.35 2.60
C GLU B 79 2.66 9.50 3.63
N ILE B 80 1.85 9.38 4.67
CA ILE B 80 1.86 10.43 5.69
C ILE B 80 3.22 10.47 6.36
N LEU B 81 3.76 9.30 6.70
CA LEU B 81 5.05 9.22 7.38
C LEU B 81 6.21 9.81 6.55
N TYR B 82 6.16 9.53 5.26
CA TYR B 82 7.18 9.99 4.33
C TYR B 82 7.09 11.51 4.18
N LYS B 83 5.87 12.04 3.99
CA LYS B 83 5.70 13.48 3.80
C LYS B 83 5.84 14.34 5.03
N LYS B 84 5.45 13.84 6.19
CA LYS B 84 5.46 14.61 7.42
C LYS B 84 6.69 14.48 8.30
N TYR B 85 7.46 13.42 8.14
CA TYR B 85 8.66 13.24 8.95
C TYR B 85 9.89 12.97 8.09
N PRO B 86 10.26 13.94 7.24
CA PRO B 86 11.42 13.78 6.37
C PRO B 86 12.74 13.54 7.11
N GLU B 87 12.83 13.99 8.36
CA GLU B 87 14.06 13.82 9.12
C GLU B 87 14.13 12.53 9.93
N ALA B 88 12.99 11.86 10.08
CA ALA B 88 12.94 10.62 10.86
C ALA B 88 13.79 9.52 10.24
N GLU B 89 14.45 8.73 11.08
CA GLU B 89 15.27 7.63 10.61
C GLU B 89 14.27 6.60 10.07
N VAL B 90 14.66 5.83 9.04
CA VAL B 90 13.74 4.86 8.46
C VAL B 90 13.24 3.86 9.49
N GLY B 91 14.07 3.60 10.51
CA GLY B 91 13.69 2.68 11.55
C GLY B 91 12.50 3.21 12.34
N ASP B 92 12.46 4.52 12.52
CA ASP B 92 11.37 5.14 13.26
C ASP B 92 10.12 5.05 12.38
N LEU B 93 10.28 5.29 11.07
CA LEU B 93 9.15 5.20 10.15
C LEU B 93 8.51 3.79 10.18
N ALA B 94 9.32 2.73 10.14
CA ALA B 94 8.81 1.35 10.20
C ALA B 94 8.10 1.01 11.52
N ARG B 95 8.64 1.56 12.61
CA ARG B 95 8.07 1.36 13.94
C ARG B 95 6.72 2.05 14.02
N VAL B 96 6.66 3.29 13.56
CA VAL B 96 5.42 4.04 13.62
C VAL B 96 4.38 3.43 12.69
N LYS B 97 4.82 2.94 11.53
CA LYS B 97 3.91 2.32 10.58
C LYS B 97 3.18 1.15 11.23
N SER B 98 3.94 0.24 11.83
CA SER B 98 3.35 -0.94 12.46
C SER B 98 2.35 -0.58 13.52
N ALA B 99 2.68 0.42 14.34
CA ALA B 99 1.77 0.82 15.39
C ALA B 99 0.51 1.47 14.82
N ALA B 100 0.70 2.37 13.85
CA ALA B 100 -0.42 3.08 13.24
C ALA B 100 -1.43 2.19 12.52
N ALA B 101 -0.96 1.09 11.93
CA ALA B 101 -1.83 0.18 11.23
C ALA B 101 -2.25 -0.99 12.14
N SER B 102 -1.91 -0.94 13.42
CA SER B 102 -2.24 -2.04 14.33
C SER B 102 -3.73 -2.26 14.61
N GLU B 103 -4.07 -3.48 15.00
CA GLU B 103 -5.45 -3.82 15.32
C GLU B 103 -5.98 -2.87 16.41
N GLU B 104 -5.17 -2.60 17.44
CA GLU B 104 -5.57 -1.70 18.50
C GLU B 104 -6.04 -0.34 17.99
N VAL B 105 -5.21 0.33 17.18
CA VAL B 105 -5.56 1.63 16.61
C VAL B 105 -6.78 1.54 15.70
N LEU B 106 -6.78 0.57 14.78
CA LEU B 106 -7.91 0.38 13.89
C LEU B 106 -9.23 0.12 14.62
N ALA B 107 -9.20 -0.61 15.72
CA ALA B 107 -10.45 -0.86 16.42
C ALA B 107 -10.92 0.43 17.06
N MET B 108 -9.97 1.23 17.56
CA MET B 108 -10.29 2.53 18.20
C MET B 108 -11.00 3.41 17.16
N VAL B 109 -10.44 3.47 15.96
CA VAL B 109 -11.00 4.25 14.87
C VAL B 109 -12.41 3.73 14.49
N SER B 110 -12.54 2.42 14.40
CA SER B 110 -13.82 1.83 14.08
C SER B 110 -14.85 2.23 15.11
N ARG B 111 -14.48 2.15 16.37
CA ARG B 111 -15.41 2.52 17.43
C ARG B 111 -15.79 4.00 17.35
N LYS B 112 -14.86 4.86 16.95
CA LYS B 112 -15.17 6.27 16.84
C LYS B 112 -16.27 6.48 15.78
N MET B 113 -16.25 5.66 14.74
CA MET B 113 -17.26 5.71 13.66
C MET B 113 -18.47 4.84 14.01
N ASN B 114 -18.54 4.31 15.22
CA ASN B 114 -19.65 3.43 15.61
C ASN B 114 -19.85 2.35 14.53
N LEU B 115 -18.76 1.79 14.02
CA LEU B 115 -18.85 0.77 12.98
C LEU B 115 -19.56 -0.49 13.48
N GLY B 116 -19.35 -0.82 14.74
CA GLY B 116 -19.98 -2.00 15.32
C GLY B 116 -21.48 -2.12 15.06
N LYS B 117 -22.16 -0.99 14.96
CA LYS B 117 -23.59 -1.05 14.75
C LYS B 117 -23.99 -1.40 13.32
N PHE B 118 -23.07 -1.22 12.36
CA PHE B 118 -23.35 -1.51 10.96
C PHE B 118 -22.89 -2.86 10.44
N LEU B 119 -22.18 -3.63 11.26
CA LEU B 119 -21.68 -4.96 10.83
C LEU B 119 -22.78 -6.00 10.67
N PHE B 120 -22.60 -6.90 9.72
CA PHE B 120 -23.52 -8.00 9.51
C PHE B 120 -22.83 -9.22 10.11
N LEU B 121 -23.44 -9.84 11.11
CA LEU B 121 -22.85 -10.98 11.78
C LEU B 121 -23.78 -12.18 11.83
N GLY B 122 -23.22 -13.39 11.88
CA GLY B 122 -24.05 -14.58 12.01
C GLY B 122 -24.61 -14.58 13.43
N LYS B 123 -25.76 -15.23 13.65
CA LYS B 123 -26.37 -15.27 14.98
C LYS B 123 -25.42 -15.80 16.07
N GLY B 124 -24.71 -16.89 15.76
CA GLY B 124 -23.80 -17.45 16.74
C GLY B 124 -22.68 -16.49 17.08
N GLU B 125 -22.11 -15.89 16.04
CA GLU B 125 -21.02 -14.94 16.21
C GLU B 125 -21.47 -13.73 17.02
N GLU B 126 -22.67 -13.25 16.73
CA GLU B 126 -23.21 -12.12 17.44
C GLU B 126 -23.39 -12.50 18.92
N LYS B 127 -23.89 -13.71 19.15
CA LYS B 127 -24.11 -14.13 20.54
C LYS B 127 -22.83 -14.26 21.35
N THR B 128 -21.72 -14.53 20.67
CA THR B 128 -20.47 -14.68 21.39
C THR B 128 -19.69 -13.38 21.49
N GLY B 129 -20.38 -12.25 21.34
CA GLY B 129 -19.71 -10.95 21.46
C GLY B 129 -18.93 -10.45 20.26
N GLY B 130 -19.23 -10.98 19.08
CA GLY B 130 -18.51 -10.56 17.89
C GLY B 130 -18.57 -9.09 17.51
N ARG B 131 -19.69 -8.42 17.81
CA ARG B 131 -19.84 -7.02 17.46
C ARG B 131 -18.87 -6.11 18.21
N ASP B 132 -18.31 -6.60 19.30
CA ASP B 132 -17.37 -5.81 20.10
C ASP B 132 -15.94 -6.33 19.97
N ARG B 133 -15.75 -7.34 19.12
CA ARG B 133 -14.43 -7.95 18.96
C ARG B 133 -13.46 -7.07 18.16
N ASP B 134 -12.36 -6.68 18.81
CA ASP B 134 -11.34 -5.84 18.17
C ASP B 134 -10.97 -6.32 16.78
N SER B 135 -10.73 -7.61 16.61
CA SER B 135 -10.29 -8.12 15.29
C SER B 135 -11.37 -7.95 14.22
N ILE B 136 -12.62 -8.26 14.55
CA ILE B 136 -13.72 -8.10 13.60
C ILE B 136 -13.87 -6.61 13.24
N LEU B 137 -13.78 -5.75 14.24
CA LEU B 137 -13.91 -4.33 13.98
C LEU B 137 -12.76 -3.79 13.08
N ALA B 138 -11.54 -4.19 13.38
CA ALA B 138 -10.38 -3.71 12.64
C ALA B 138 -10.47 -4.19 11.21
N ASP B 139 -10.83 -5.47 11.04
CA ASP B 139 -10.98 -6.06 9.71
C ASP B 139 -12.02 -5.33 8.86
N ALA B 140 -13.18 -5.06 9.43
CA ALA B 140 -14.21 -4.38 8.65
C ALA B 140 -13.77 -2.96 8.26
N PHE B 141 -12.99 -2.31 9.12
CA PHE B 141 -12.54 -0.95 8.84
C PHE B 141 -11.57 -1.00 7.66
N GLU B 142 -10.66 -1.98 7.66
CA GLU B 142 -9.74 -2.10 6.54
C GLU B 142 -10.59 -2.42 5.28
N ALA B 143 -11.59 -3.27 5.43
CA ALA B 143 -12.46 -3.60 4.30
C ALA B 143 -13.18 -2.33 3.82
N LEU B 144 -13.61 -1.49 4.76
CA LEU B 144 -14.30 -0.26 4.40
C LEU B 144 -13.34 0.64 3.61
N LEU B 145 -12.09 0.73 4.05
CA LEU B 145 -11.14 1.57 3.31
C LEU B 145 -11.06 1.09 1.87
N ALA B 146 -11.00 -0.23 1.65
CA ALA B 146 -10.97 -0.78 0.28
C ALA B 146 -12.21 -0.38 -0.51
N ALA B 147 -13.37 -0.51 0.11
CA ALA B 147 -14.64 -0.15 -0.53
C ALA B 147 -14.66 1.30 -0.97
N ILE B 148 -14.22 2.19 -0.08
CA ILE B 148 -14.21 3.62 -0.40
C ILE B 148 -13.18 3.91 -1.52
N TYR B 149 -12.05 3.22 -1.43
CA TYR B 149 -10.97 3.37 -2.40
C TYR B 149 -11.49 2.99 -3.79
N LEU B 150 -12.19 1.87 -3.87
CA LEU B 150 -12.75 1.40 -5.13
C LEU B 150 -13.92 2.25 -5.62
N ASP B 151 -14.80 2.66 -4.70
CA ASP B 151 -15.97 3.47 -5.08
C ASP B 151 -15.70 4.94 -5.35
N GLN B 152 -14.85 5.56 -4.53
CA GLN B 152 -14.60 6.99 -4.67
C GLN B 152 -13.17 7.42 -4.85
N GLY B 153 -12.22 6.52 -4.57
CA GLY B 153 -10.83 6.88 -4.76
C GLY B 153 -10.02 7.23 -3.53
N TYR B 154 -8.71 7.24 -3.74
CA TYR B 154 -7.73 7.53 -2.73
C TYR B 154 -7.85 8.93 -2.11
N GLU B 155 -8.15 9.93 -2.92
CA GLU B 155 -8.29 11.30 -2.41
C GLU B 155 -9.44 11.37 -1.40
N LYS B 156 -10.47 10.55 -1.60
CA LYS B 156 -11.58 10.56 -0.67
C LYS B 156 -11.11 9.97 0.67
N ILE B 157 -10.25 8.96 0.60
CA ILE B 157 -9.75 8.35 1.82
C ILE B 157 -9.00 9.40 2.66
N LYS B 158 -8.16 10.20 2.01
CA LYS B 158 -7.40 11.25 2.71
C LYS B 158 -8.36 12.30 3.29
N GLU B 159 -9.28 12.74 2.46
CA GLU B 159 -10.26 13.72 2.88
C GLU B 159 -10.95 13.21 4.15
N LEU B 160 -11.31 11.94 4.21
CA LEU B 160 -11.99 11.38 5.39
C LEU B 160 -11.12 11.07 6.62
N PHE B 161 -9.92 10.56 6.37
CA PHE B 161 -9.09 10.08 7.47
C PHE B 161 -7.70 10.65 7.69
N GLU B 162 -7.20 11.46 6.76
CA GLU B 162 -5.85 11.98 6.94
C GLU B 162 -5.62 12.73 8.24
N GLN B 163 -6.48 13.70 8.52
CA GLN B 163 -6.29 14.49 9.73
C GLN B 163 -6.21 13.59 10.96
N GLU B 164 -7.19 12.71 11.10
CA GLU B 164 -7.26 11.78 12.22
C GLU B 164 -5.99 10.92 12.36
N PHE B 165 -5.57 10.30 11.26
CA PHE B 165 -4.35 9.46 11.31
C PHE B 165 -3.06 10.27 11.50
N GLU B 166 -3.02 11.51 11.01
CA GLU B 166 -1.83 12.33 11.23
C GLU B 166 -1.68 12.54 12.75
N PHE B 167 -2.84 12.66 13.42
CA PHE B 167 -2.87 12.86 14.87
C PHE B 167 -2.31 11.62 15.57
N TYR B 168 -2.84 10.44 15.24
CA TYR B 168 -2.35 9.21 15.86
C TYR B 168 -0.86 9.04 15.59
N ILE B 169 -0.47 9.23 14.33
CA ILE B 169 0.91 9.07 13.92
C ILE B 169 1.83 9.99 14.72
N GLU B 170 1.39 11.23 14.95
CA GLU B 170 2.18 12.17 15.72
C GLU B 170 2.40 11.64 17.15
N LYS B 171 1.34 11.14 17.80
CA LYS B 171 1.44 10.58 19.17
C LYS B 171 2.44 9.41 19.24
N ILE B 172 2.28 8.46 18.33
CA ILE B 172 3.16 7.31 18.25
C ILE B 172 4.56 7.81 17.94
N MET B 173 4.72 8.68 16.93
CA MET B 173 6.07 9.17 16.60
C MET B 173 6.74 9.83 17.80
N LYS B 174 5.95 10.53 18.62
CA LYS B 174 6.51 11.20 19.81
C LYS B 174 6.66 10.23 20.97
N GLY B 175 6.25 8.97 20.77
CA GLY B 175 6.34 7.98 21.83
C GLY B 175 5.29 8.16 22.92
N GLU B 176 4.23 8.91 22.63
CA GLU B 176 3.17 9.15 23.62
C GLU B 176 2.15 8.04 23.44
N MET B 177 1.76 7.39 24.53
CA MET B 177 0.79 6.30 24.42
C MET B 177 -0.49 6.81 23.77
N LEU B 178 -1.10 5.92 22.99
CA LEU B 178 -2.32 6.25 22.28
C LEU B 178 -3.46 5.35 22.75
N PHE B 179 -4.57 5.97 23.12
CA PHE B 179 -5.74 5.26 23.56
C PHE B 179 -6.91 6.26 23.65
N ASP B 180 -8.08 5.81 24.07
CA ASP B 180 -9.23 6.71 24.19
C ASP B 180 -8.97 7.51 25.46
N TYR B 181 -8.30 8.64 25.29
CA TYR B 181 -7.95 9.48 26.43
C TYR B 181 -9.14 9.93 27.26
N LYS B 182 -10.13 10.49 26.57
CA LYS B 182 -11.33 11.02 27.22
C LYS B 182 -12.02 10.01 28.11
N THR B 183 -12.27 8.84 27.57
CA THR B 183 -12.93 7.80 28.34
C THR B 183 -12.07 7.38 29.53
N ALA B 184 -10.75 7.37 29.33
CA ALA B 184 -9.84 6.96 30.42
C ALA B 184 -9.79 8.03 31.53
N LEU B 185 -9.81 9.29 31.13
CA LEU B 185 -9.76 10.37 32.12
C LEU B 185 -11.09 10.41 32.89
N GLN B 186 -12.19 10.27 32.14
CA GLN B 186 -13.54 10.29 32.74
C GLN B 186 -13.64 9.34 33.90
N GLU B 187 -13.13 8.13 33.68
CA GLU B 187 -13.15 7.08 34.68
C GLU B 187 -12.35 7.43 35.93
N ILE B 188 -11.16 7.98 35.73
CA ILE B 188 -10.32 8.32 36.88
C ILE B 188 -10.84 9.57 37.65
N VAL B 189 -11.30 10.57 36.92
CA VAL B 189 -11.81 11.77 37.57
C VAL B 189 -13.13 11.46 38.28
N GLN B 190 -14.03 10.75 37.62
CA GLN B 190 -15.29 10.41 38.25
C GLN B 190 -15.00 9.68 39.55
N SER B 191 -14.07 8.73 39.54
CA SER B 191 -13.73 7.99 40.76
C SER B 191 -13.18 8.82 41.91
N GLU B 192 -12.26 9.72 41.61
CA GLU B 192 -11.65 10.56 42.65
C GLU B 192 -12.51 11.75 43.10
N HIS B 193 -13.34 12.29 42.20
CA HIS B 193 -14.10 13.49 42.55
C HIS B 193 -15.61 13.40 42.55
N LYS B 194 -16.13 12.30 42.03
CA LYS B 194 -17.57 12.09 41.94
C LYS B 194 -18.28 12.98 40.95
N VAL B 195 -17.51 13.66 40.11
CA VAL B 195 -18.05 14.50 39.04
C VAL B 195 -17.18 14.21 37.80
N PRO B 196 -17.71 14.46 36.61
CA PRO B 196 -16.95 14.22 35.37
C PRO B 196 -16.11 15.42 34.96
N PRO B 197 -15.06 15.20 34.14
CA PRO B 197 -14.26 16.35 33.72
C PRO B 197 -15.07 17.16 32.69
N GLU B 198 -14.77 18.44 32.56
CA GLU B 198 -15.47 19.27 31.58
C GLU B 198 -14.44 19.85 30.60
N TYR B 199 -14.83 19.94 29.32
CA TYR B 199 -13.95 20.45 28.28
C TYR B 199 -14.49 21.79 27.83
N ILE B 200 -13.65 22.81 27.96
CA ILE B 200 -14.03 24.17 27.61
C ILE B 200 -13.13 24.74 26.52
N LEU B 201 -13.71 25.07 25.36
CA LEU B 201 -12.91 25.66 24.30
C LEU B 201 -12.70 27.10 24.76
N VAL B 202 -11.49 27.42 25.18
CA VAL B 202 -11.23 28.77 25.66
C VAL B 202 -10.73 29.72 24.58
N ARG B 203 -10.34 29.17 23.42
CA ARG B 203 -9.80 30.04 22.40
C ARG B 203 -9.55 29.34 21.07
N THR B 204 -9.64 30.11 19.98
CA THR B 204 -9.37 29.58 18.66
C THR B 204 -8.44 30.62 18.06
N GLU B 205 -7.56 30.20 17.16
CA GLU B 205 -6.61 31.12 16.55
C GLU B 205 -6.02 30.53 15.28
N LYS B 206 -5.60 31.38 14.35
CA LYS B 206 -5.00 30.90 13.10
C LYS B 206 -3.49 31.05 13.14
N ASN B 207 -2.79 29.96 13.44
CA ASN B 207 -1.34 30.03 13.52
C ASN B 207 -0.54 29.38 12.40
N ASP B 208 -0.22 30.21 11.40
CA ASP B 208 0.56 29.83 10.22
C ASP B 208 0.36 28.41 9.74
N GLY B 209 -0.89 28.08 9.40
CA GLY B 209 -1.21 26.74 8.93
C GLY B 209 -2.69 26.72 8.67
N ASP B 210 -3.45 26.90 9.75
CA ASP B 210 -4.92 26.93 9.73
C ASP B 210 -5.35 27.46 11.09
N ARG B 211 -6.51 27.01 11.55
CA ARG B 211 -7.01 27.43 12.84
C ARG B 211 -6.66 26.36 13.86
N ILE B 212 -6.37 26.80 15.08
CA ILE B 212 -6.08 25.87 16.15
C ILE B 212 -6.88 26.23 17.39
N PHE B 213 -7.59 25.22 17.88
CA PHE B 213 -8.44 25.33 19.05
C PHE B 213 -7.66 25.04 20.33
N VAL B 214 -7.96 25.80 21.38
CA VAL B 214 -7.31 25.60 22.67
C VAL B 214 -8.43 25.19 23.63
N VAL B 215 -8.34 23.98 24.14
CA VAL B 215 -9.32 23.43 25.07
C VAL B 215 -8.74 23.21 26.46
N GLU B 216 -9.50 23.57 27.49
CA GLU B 216 -9.04 23.32 28.84
C GLU B 216 -9.95 22.24 29.41
N VAL B 217 -9.37 21.25 30.09
CA VAL B 217 -10.21 20.24 30.69
C VAL B 217 -10.20 20.63 32.17
N ARG B 218 -11.37 20.68 32.78
CA ARG B 218 -11.49 21.10 34.19
C ARG B 218 -12.32 20.14 35.02
N VAL B 219 -12.09 20.18 36.32
CA VAL B 219 -12.86 19.39 37.27
C VAL B 219 -13.31 20.45 38.30
N ASN B 220 -14.62 20.49 38.57
CA ASN B 220 -15.18 21.48 39.51
C ASN B 220 -14.72 22.90 39.16
N GLY B 221 -14.62 23.23 37.87
CA GLY B 221 -14.20 24.55 37.50
C GLY B 221 -12.72 24.83 37.54
N LYS B 222 -11.91 23.88 38.01
CA LYS B 222 -10.45 24.07 38.07
C LYS B 222 -9.83 23.43 36.83
N THR B 223 -8.94 24.14 36.15
CA THR B 223 -8.27 23.63 34.97
C THR B 223 -7.22 22.59 35.34
N ILE B 224 -7.31 21.42 34.73
CA ILE B 224 -6.37 20.34 34.97
C ILE B 224 -5.26 20.39 33.91
N ALA B 225 -5.64 20.68 32.66
CA ALA B 225 -4.67 20.76 31.58
C ALA B 225 -5.31 21.49 30.42
N THR B 226 -4.45 21.92 29.52
CA THR B 226 -4.85 22.63 28.33
C THR B 226 -4.37 21.80 27.15
N GLY B 227 -5.18 21.73 26.09
CA GLY B 227 -4.78 21.00 24.90
C GLY B 227 -5.06 21.79 23.64
N LYS B 228 -4.23 21.58 22.61
CA LYS B 228 -4.36 22.27 21.34
C LYS B 228 -4.51 21.29 20.18
N GLY B 229 -5.29 21.70 19.17
CA GLY B 229 -5.52 20.83 18.03
C GLY B 229 -6.05 21.59 16.82
N ARG B 230 -6.08 20.90 15.69
CA ARG B 230 -6.56 21.49 14.46
C ARG B 230 -8.07 21.54 14.42
N THR B 231 -8.71 20.85 15.35
CA THR B 231 -10.17 20.87 15.47
C THR B 231 -10.48 20.86 16.97
N LYS B 232 -11.73 21.15 17.33
CA LYS B 232 -12.09 21.17 18.73
C LYS B 232 -11.93 19.80 19.37
N LYS B 233 -12.45 18.78 18.69
CA LYS B 233 -12.34 17.41 19.21
C LYS B 233 -10.88 17.00 19.41
N GLU B 234 -10.01 17.45 18.51
CA GLU B 234 -8.60 17.09 18.61
C GLU B 234 -8.01 17.74 19.87
N ALA B 235 -8.28 19.03 20.07
CA ALA B 235 -7.80 19.71 21.25
C ALA B 235 -8.32 18.99 22.52
N GLU B 236 -9.59 18.60 22.53
CA GLU B 236 -10.14 17.90 23.68
C GLU B 236 -9.40 16.60 23.97
N LYS B 237 -9.05 15.86 22.91
CA LYS B 237 -8.33 14.60 23.12
C LYS B 237 -6.97 14.91 23.70
N GLU B 238 -6.35 15.96 23.19
CA GLU B 238 -5.02 16.36 23.64
C GLU B 238 -5.06 16.77 25.10
N ALA B 239 -6.05 17.60 25.45
CA ALA B 239 -6.21 18.02 26.84
C ALA B 239 -6.40 16.82 27.76
N ALA B 240 -7.18 15.83 27.31
CA ALA B 240 -7.43 14.65 28.12
C ALA B 240 -6.14 13.83 28.28
N ARG B 241 -5.39 13.71 27.20
CA ARG B 241 -4.13 12.94 27.24
C ARG B 241 -3.19 13.55 28.29
N ILE B 242 -3.04 14.87 28.21
CA ILE B 242 -2.16 15.62 29.10
C ILE B 242 -2.62 15.49 30.56
N ALA B 243 -3.92 15.70 30.79
CA ALA B 243 -4.49 15.60 32.13
C ALA B 243 -4.27 14.20 32.70
N TYR B 244 -4.55 13.18 31.89
CA TYR B 244 -4.37 11.81 32.34
C TYR B 244 -2.92 11.52 32.76
N GLU B 245 -1.96 11.87 31.91
CA GLU B 245 -0.56 11.61 32.24
C GLU B 245 -0.17 12.35 33.50
N LYS B 246 -0.68 13.58 33.61
CA LYS B 246 -0.42 14.41 34.76
C LYS B 246 -0.96 13.70 36.00
N LEU B 247 -2.24 13.32 35.98
CA LEU B 247 -2.86 12.63 37.11
C LEU B 247 -2.33 11.23 37.38
N LEU B 248 -1.01 11.10 37.42
CA LEU B 248 -0.31 9.85 37.70
C LEU B 248 0.93 10.44 38.34
N LYS B 249 0.65 11.44 39.19
CA LYS B 249 1.62 12.23 39.94
C LYS B 249 2.18 11.50 41.16
#